data_2OCU
#
_entry.id   2OCU
#
_cell.length_a   63.216
_cell.length_b   50.398
_cell.length_c   65.838
_cell.angle_alpha   90.00
_cell.angle_beta   107.60
_cell.angle_gamma   90.00
#
_symmetry.space_group_name_H-M   'P 1 21 1'
#
loop_
_entity.id
_entity.type
_entity.pdbx_description
1 polymer Lactotransferrin
2 branched beta-D-mannopyranose-(1-4)-2-acetamido-2-deoxy-beta-D-glucopyranose-(1-4)-2-acetamido-2-deoxy-beta-D-glucopyranose
3 branched beta-D-mannopyranose-(1-4)-alpha-D-mannopyranose-(1-4)-2-acetamido-2-deoxy-beta-D-glucopyranose-(1-4)-2-acetamido-2-deoxy-beta-D-glucopyranose
4 non-polymer 2-acetamido-2-deoxy-beta-D-glucopyranose
5 non-polymer 'ZINC ION'
6 non-polymer 'FE (III) ION'
7 non-polymer 'CARBONATE ION'
8 non-polymer 'SULFATE ION'
9 non-polymer 'N-(4-HYDROXYPHENYL)ACETAMIDE (TYLENOL)'
10 water water
#
_entity_poly.entity_id   1
_entity_poly.type   'polypeptide(L)'
_entity_poly.pdbx_seq_one_letter_code
;YTRVVWCAVGPEEQKKCQQWSQQSGQNVTCATASTTDDCIVLVLKGEADALNLDGGYIYTAGKCGLVPVLAENRKSSKHS
SLDCVLRPTEGYLAVAVVKKANEGLTWNSLKDKKSCHTAVDRTAGWNIPMGLIVNQTGSCAFDEFFSQSCAPGADPKSRL
CALCAGDDQGLDKCVPNSKEKYYGYTGAFRCLAEDVGDVAFVKNDTVWENTNGESTADWAKNLKREDFRLLCLDGTRKPV
TEAQSCHLAVAPNHAVVSRSDRAAHVEQVLLHQQALFGKNGKNCPDKFCLFKSETKNLLFNDNTECLAKLGGRPTYEEYL
GTEYVTAIANLKKCSTSPLLEACAF
;
_entity_poly.pdbx_strand_id   A
#
# COMPACT_ATOMS: atom_id res chain seq x y z
N TYR A 1 23.72 -13.18 -9.62
CA TYR A 1 23.52 -12.18 -10.73
C TYR A 1 22.11 -12.25 -11.31
N THR A 2 21.92 -13.20 -12.24
CA THR A 2 20.61 -13.46 -12.81
C THR A 2 19.75 -14.18 -11.73
N ARG A 3 20.25 -14.08 -10.50
CA ARG A 3 19.62 -14.53 -9.28
C ARG A 3 19.26 -13.28 -8.45
N VAL A 4 17.98 -13.14 -8.11
CA VAL A 4 17.49 -11.97 -7.39
C VAL A 4 17.06 -12.37 -5.98
N VAL A 5 17.49 -11.62 -4.98
CA VAL A 5 17.02 -11.84 -3.62
C VAL A 5 15.89 -10.87 -3.34
N TRP A 6 14.68 -11.38 -3.15
CA TRP A 6 13.51 -10.54 -2.84
C TRP A 6 13.42 -10.35 -1.33
N CYS A 7 12.95 -9.19 -0.86
CA CYS A 7 12.81 -9.00 0.56
C CYS A 7 11.32 -9.07 0.98
N ALA A 8 10.99 -10.07 1.78
CA ALA A 8 9.65 -10.28 2.31
C ALA A 8 9.46 -9.56 3.64
N VAL A 9 8.29 -8.94 3.82
CA VAL A 9 8.00 -8.21 5.05
C VAL A 9 7.08 -9.08 5.89
N GLY A 10 7.62 -9.69 6.95
CA GLY A 10 6.83 -10.55 7.82
C GLY A 10 6.69 -12.00 7.31
N PRO A 11 6.12 -12.84 8.19
CA PRO A 11 5.95 -14.29 7.97
C PRO A 11 5.08 -14.71 6.78
N GLU A 12 4.01 -14.01 6.48
CA GLU A 12 3.15 -14.46 5.39
C GLU A 12 3.72 -14.12 4.04
N GLU A 13 4.41 -12.99 3.97
CA GLU A 13 5.11 -12.67 2.73
C GLU A 13 6.28 -13.63 2.57
N GLN A 14 6.94 -13.99 3.67
CA GLN A 14 8.05 -14.94 3.61
C GLN A 14 7.60 -16.27 3.00
N LYS A 15 6.47 -16.77 3.51
CA LYS A 15 5.93 -18.01 3.02
C LYS A 15 5.52 -17.91 1.54
N LYS A 16 4.94 -16.79 1.13
CA LYS A 16 4.60 -16.66 -0.29
C LYS A 16 5.85 -16.56 -1.17
N CYS A 17 6.90 -15.92 -0.67
CA CYS A 17 8.14 -15.81 -1.40
C CYS A 17 8.80 -17.18 -1.55
N GLN A 18 8.77 -17.99 -0.48
CA GLN A 18 9.33 -19.35 -0.50
C GLN A 18 8.76 -20.23 -1.63
N GLN A 19 7.44 -20.18 -1.79
CA GLN A 19 6.77 -20.86 -2.88
C GLN A 19 7.28 -20.41 -4.26
N TRP A 20 7.35 -19.10 -4.44
CA TRP A 20 7.81 -18.46 -5.67
C TRP A 20 9.26 -18.86 -5.88
N SER A 21 10.02 -18.87 -4.79
CA SER A 21 11.41 -19.29 -4.85
C SER A 21 11.55 -20.75 -5.34
N GLN A 22 10.73 -21.63 -4.76
CA GLN A 22 10.66 -23.05 -5.12
C GLN A 22 10.32 -23.20 -6.59
N GLN A 23 9.23 -22.55 -7.02
CA GLN A 23 8.77 -22.59 -8.41
C GLN A 23 9.71 -21.98 -9.46
N SER A 24 10.41 -20.91 -9.11
CA SER A 24 11.36 -20.27 -10.01
C SER A 24 12.70 -21.05 -10.21
N GLY A 25 12.82 -22.20 -9.57
CA GLY A 25 14.06 -22.98 -9.63
C GLY A 25 15.16 -22.26 -8.89
N GLN A 26 14.76 -21.43 -7.94
CA GLN A 26 15.65 -20.56 -7.20
C GLN A 26 16.34 -19.56 -8.06
N ASN A 27 15.68 -19.17 -9.15
CA ASN A 27 16.11 -17.99 -9.88
C ASN A 27 15.80 -16.77 -9.00
N VAL A 28 14.79 -16.92 -8.14
CA VAL A 28 14.46 -15.94 -7.10
C VAL A 28 14.64 -16.57 -5.73
N THR A 29 15.20 -15.80 -4.82
CA THR A 29 15.48 -16.27 -3.48
C THR A 29 14.92 -15.24 -2.48
N CYS A 30 14.84 -15.56 -1.20
CA CYS A 30 14.17 -14.72 -0.23
C CYS A 30 14.94 -14.29 1.03
N ALA A 31 14.81 -13.01 1.37
CA ALA A 31 15.27 -12.48 2.64
C ALA A 31 14.00 -11.98 3.34
N THR A 32 14.01 -11.97 4.67
CA THR A 32 12.84 -11.51 5.45
C THR A 32 13.24 -10.51 6.51
N ALA A 33 12.41 -9.50 6.69
CA ALA A 33 12.64 -8.51 7.74
C ALA A 33 11.28 -8.29 8.38
N SER A 34 11.25 -7.66 9.55
CA SER A 34 10.00 -7.41 10.24
C SER A 34 9.29 -6.14 9.78
N THR A 35 9.98 -5.25 9.07
CA THR A 35 9.34 -4.01 8.61
C THR A 35 9.85 -3.64 7.24
N THR A 36 9.17 -2.70 6.59
CA THR A 36 9.55 -2.29 5.26
C THR A 36 10.89 -1.56 5.30
N ASP A 37 11.06 -0.68 6.28
CA ASP A 37 12.33 0.01 6.54
C ASP A 37 13.50 -0.96 6.71
N ASP A 38 13.30 -2.04 7.43
CA ASP A 38 14.38 -3.01 7.62
C ASP A 38 14.75 -3.66 6.29
N CYS A 39 13.73 -3.91 5.48
CA CYS A 39 13.92 -4.47 4.17
C CYS A 39 14.72 -3.51 3.28
N ILE A 40 14.45 -2.22 3.41
CA ILE A 40 15.16 -1.18 2.67
C ILE A 40 16.65 -1.17 3.05
N VAL A 41 16.92 -1.26 4.34
CA VAL A 41 18.27 -1.41 4.84
C VAL A 41 18.96 -2.66 4.27
N LEU A 42 18.25 -3.79 4.19
CA LEU A 42 18.84 -4.99 3.55
C LEU A 42 19.28 -4.72 2.10
N VAL A 43 18.47 -3.99 1.35
CA VAL A 43 18.79 -3.67 -0.03
C VAL A 43 20.01 -2.74 -0.08
N LEU A 44 20.05 -1.75 0.81
CA LEU A 44 21.16 -0.81 0.89
C LEU A 44 22.48 -1.53 1.16
N LYS A 45 22.44 -2.50 2.07
CA LYS A 45 23.59 -3.29 2.42
C LYS A 45 24.01 -4.26 1.30
N GLY A 46 23.04 -4.60 0.44
CA GLY A 46 23.28 -5.48 -0.67
C GLY A 46 22.94 -6.91 -0.36
N GLU A 47 22.30 -7.13 0.79
CA GLU A 47 21.91 -8.47 1.24
C GLU A 47 20.53 -8.88 0.63
N ALA A 48 19.76 -7.89 0.16
CA ALA A 48 18.57 -8.23 -0.62
C ALA A 48 18.64 -7.36 -1.90
N ASP A 49 17.93 -7.75 -2.96
CA ASP A 49 17.94 -6.92 -4.17
C ASP A 49 16.75 -5.99 -4.36
N ALA A 50 15.55 -6.48 -4.00
CA ALA A 50 14.33 -5.80 -4.40
C ALA A 50 13.14 -6.11 -3.53
N LEU A 51 12.16 -5.22 -3.61
CA LEU A 51 10.83 -5.39 -3.03
C LEU A 51 9.92 -4.34 -3.69
N ASN A 52 8.62 -4.54 -3.54
CA ASN A 52 7.61 -3.71 -4.14
C ASN A 52 7.09 -2.85 -2.99
N LEU A 53 7.15 -1.54 -3.18
CA LEU A 53 6.84 -0.52 -2.18
C LEU A 53 5.70 0.44 -2.54
N ASP A 54 4.94 0.81 -1.51
CA ASP A 54 4.02 1.91 -1.59
C ASP A 54 4.83 3.23 -1.77
N GLY A 55 4.21 4.22 -2.39
CA GLY A 55 4.87 5.48 -2.70
C GLY A 55 5.49 6.24 -1.55
N GLY A 56 4.90 6.16 -0.36
CA GLY A 56 5.49 6.79 0.80
C GLY A 56 6.85 6.20 1.13
N TYR A 57 7.01 4.90 0.89
CA TYR A 57 8.27 4.22 1.15
C TYR A 57 9.25 4.45 -0.01
N ILE A 58 8.72 4.74 -1.20
CA ILE A 58 9.59 4.98 -2.33
C ILE A 58 10.32 6.27 -2.08
N TYR A 59 9.69 7.17 -1.32
CA TYR A 59 10.29 8.46 -0.98
C TYR A 59 11.45 8.28 0.00
N THR A 60 11.20 7.51 1.07
CA THR A 60 12.24 7.06 2.01
C THR A 60 13.43 6.39 1.29
N ALA A 61 13.14 5.37 0.48
CA ALA A 61 14.13 4.61 -0.26
C ALA A 61 14.93 5.49 -1.22
N GLY A 62 14.25 6.44 -1.86
CA GLY A 62 14.85 7.35 -2.82
C GLY A 62 15.86 8.30 -2.22
N LYS A 63 15.62 8.76 -1.00
CA LYS A 63 16.58 9.60 -0.30
C LYS A 63 17.84 8.78 -0.01
N CYS A 64 17.65 7.48 0.18
CA CYS A 64 18.76 6.55 0.39
C CYS A 64 19.40 6.06 -0.91
N GLY A 65 18.95 6.57 -2.05
CA GLY A 65 19.59 6.23 -3.31
C GLY A 65 19.03 5.02 -4.00
N LEU A 66 17.86 4.53 -3.60
CA LEU A 66 17.22 3.42 -4.32
C LEU A 66 16.37 3.92 -5.50
N VAL A 67 16.19 3.10 -6.52
CA VAL A 67 15.43 3.58 -7.67
C VAL A 67 14.24 2.70 -8.04
N PRO A 68 13.21 3.32 -8.59
CA PRO A 68 12.07 2.60 -9.13
C PRO A 68 12.50 1.87 -10.37
N VAL A 69 12.07 0.61 -10.51
CA VAL A 69 12.50 -0.25 -11.59
C VAL A 69 11.33 -0.57 -12.50
N LEU A 70 10.20 -0.95 -11.89
CA LEU A 70 8.99 -1.41 -12.58
C LEU A 70 7.81 -1.06 -11.70
N ALA A 71 6.66 -0.78 -12.31
CA ALA A 71 5.48 -0.38 -11.53
C ALA A 71 4.31 -1.36 -11.62
N GLU A 72 3.54 -1.45 -10.55
CA GLU A 72 2.28 -2.19 -10.63
C GLU A 72 1.34 -1.52 -11.65
N ASN A 73 0.73 -2.33 -12.49
CA ASN A 73 -0.17 -1.80 -13.49
C ASN A 73 -1.49 -2.51 -13.32
N ARG A 74 -2.52 -1.71 -13.16
CA ARG A 74 -3.84 -2.18 -12.81
C ARG A 74 -4.67 -2.46 -14.05
N LYS A 75 -5.75 -3.21 -13.83
CA LYS A 75 -6.65 -3.62 -14.89
C LYS A 75 -7.70 -2.56 -15.21
N SER A 76 -7.25 -1.45 -15.82
CA SER A 76 -8.15 -0.36 -16.24
C SER A 76 -8.00 -0.19 -17.75
N SER A 77 -9.14 0.00 -18.40
CA SER A 77 -9.24 -0.27 -19.83
C SER A 77 -9.18 0.84 -20.89
N LYS A 78 -8.46 1.92 -20.61
CA LYS A 78 -8.08 2.86 -21.69
C LYS A 78 -6.65 2.48 -22.12
N HIS A 79 -6.16 3.07 -23.20
CA HIS A 79 -4.92 2.64 -23.86
C HIS A 79 -5.20 1.24 -24.41
N SER A 80 -6.47 1.02 -24.76
CA SER A 80 -7.01 -0.30 -25.14
C SER A 80 -6.03 -1.32 -25.72
N SER A 81 -5.45 -1.00 -26.88
CA SER A 81 -4.63 -1.95 -27.62
C SER A 81 -3.26 -2.21 -27.02
N LEU A 82 -2.77 -1.25 -26.26
CA LEU A 82 -1.42 -1.27 -25.75
C LEU A 82 -1.20 -2.38 -24.70
N ASP A 83 -0.10 -3.13 -24.86
CA ASP A 83 0.28 -4.20 -23.94
C ASP A 83 0.50 -3.68 -22.53
N CYS A 84 0.13 -4.48 -21.53
CA CYS A 84 0.25 -4.07 -20.13
C CYS A 84 1.65 -3.57 -19.71
N VAL A 85 2.70 -4.25 -20.15
CA VAL A 85 4.06 -3.89 -19.79
C VAL A 85 4.52 -2.53 -20.31
N LEU A 86 3.87 -2.06 -21.37
CA LEU A 86 4.24 -0.78 -22.01
C LEU A 86 3.27 0.35 -21.69
N ARG A 87 2.10 -0.01 -21.20
CA ARG A 87 1.05 0.93 -20.83
C ARG A 87 1.49 1.81 -19.64
N PRO A 88 1.20 3.10 -19.72
CA PRO A 88 1.51 4.01 -18.62
C PRO A 88 0.66 3.66 -17.40
N THR A 89 1.15 4.03 -16.22
CA THR A 89 0.40 3.78 -15.00
C THR A 89 -0.61 4.90 -14.75
N GLU A 90 -1.80 4.52 -14.28
CA GLU A 90 -2.88 5.48 -14.07
C GLU A 90 -2.97 6.05 -12.66
N GLY A 91 -2.40 5.37 -11.69
CA GLY A 91 -2.46 5.86 -10.31
C GLY A 91 -3.71 5.33 -9.62
N TYR A 92 -3.76 5.42 -8.30
CA TYR A 92 -4.95 4.98 -7.61
C TYR A 92 -5.55 6.11 -6.80
N LEU A 93 -6.79 5.94 -6.39
CA LEU A 93 -7.47 6.99 -5.67
C LEU A 93 -7.45 6.81 -4.16
N ALA A 94 -6.95 7.80 -3.45
CA ALA A 94 -6.96 7.81 -1.98
C ALA A 94 -8.35 8.29 -1.54
N VAL A 95 -9.04 7.50 -0.74
CA VAL A 95 -10.37 7.87 -0.28
C VAL A 95 -10.49 7.67 1.22
N ALA A 96 -11.48 8.32 1.83
CA ALA A 96 -11.83 8.15 3.25
C ALA A 96 -13.21 7.54 3.23
N VAL A 97 -13.34 6.39 3.87
CA VAL A 97 -14.56 5.62 3.84
C VAL A 97 -15.16 5.52 5.25
N VAL A 98 -16.49 5.63 5.33
CA VAL A 98 -17.28 5.47 6.55
C VAL A 98 -18.49 4.58 6.29
N LYS A 99 -19.17 4.18 7.36
CA LYS A 99 -20.41 3.44 7.22
C LYS A 99 -21.53 4.41 6.93
N LYS A 100 -22.48 4.01 6.09
CA LYS A 100 -23.69 4.83 5.85
C LYS A 100 -24.43 5.15 7.17
N ALA A 101 -24.53 4.16 8.05
CA ALA A 101 -25.28 4.27 9.30
C ALA A 101 -24.74 5.32 10.23
N ASN A 102 -23.50 5.70 10.02
CA ASN A 102 -22.89 6.72 10.83
C ASN A 102 -23.22 8.05 10.17
N GLU A 103 -24.46 8.49 10.30
CA GLU A 103 -24.95 9.71 9.65
C GLU A 103 -24.34 10.95 10.22
N GLY A 104 -24.23 12.00 9.42
CA GLY A 104 -23.64 13.24 9.91
C GLY A 104 -22.16 13.17 10.27
N LEU A 105 -21.49 12.10 9.84
CA LEU A 105 -20.04 12.12 9.88
C LEU A 105 -19.56 12.54 8.49
N THR A 106 -18.86 13.69 8.42
CA THR A 106 -18.29 14.21 7.18
C THR A 106 -16.83 14.55 7.44
N TRP A 107 -16.10 14.98 6.41
CA TRP A 107 -14.71 15.39 6.58
C TRP A 107 -14.55 16.46 7.64
N ASN A 108 -15.51 17.38 7.64
CA ASN A 108 -15.54 18.50 8.58
C ASN A 108 -15.82 18.15 10.04
N SER A 109 -16.16 16.90 10.33
CA SER A 109 -16.42 16.51 11.72
C SER A 109 -15.59 15.29 12.17
N LEU A 110 -14.38 15.15 11.63
CA LEU A 110 -13.52 14.01 11.94
C LEU A 110 -12.79 14.08 13.30
N LYS A 111 -12.62 15.29 13.82
CA LYS A 111 -11.97 15.46 15.11
C LYS A 111 -12.60 14.60 16.22
N ASP A 112 -11.72 13.91 16.96
CA ASP A 112 -12.12 13.02 18.06
C ASP A 112 -12.80 11.74 17.65
N LYS A 113 -12.89 11.48 16.35
CA LYS A 113 -13.42 10.19 15.93
C LYS A 113 -12.31 9.13 15.95
N LYS A 114 -12.69 7.88 15.65
CA LYS A 114 -11.77 6.75 15.63
C LYS A 114 -11.35 6.44 14.19
N SER A 115 -10.03 6.32 13.96
CA SER A 115 -9.49 6.12 12.60
C SER A 115 -8.72 4.83 12.39
N CYS A 116 -8.75 4.37 11.13
CA CYS A 116 -8.06 3.17 10.66
C CYS A 116 -7.15 3.54 9.50
N HIS A 117 -5.85 3.29 9.66
CA HIS A 117 -4.82 3.66 8.66
C HIS A 117 -4.08 2.44 8.20
N THR A 118 -3.62 2.44 6.95
CA THR A 118 -2.93 1.28 6.44
C THR A 118 -1.63 1.04 7.20
N ALA A 119 -0.92 2.13 7.44
CA ALA A 119 0.33 2.14 8.22
C ALA A 119 0.91 3.54 8.11
N VAL A 120 1.67 3.92 9.13
CA VAL A 120 2.36 5.18 9.19
C VAL A 120 3.27 5.21 7.95
N ASP A 121 3.45 6.40 7.37
CA ASP A 121 4.31 6.58 6.20
C ASP A 121 3.81 6.09 4.84
N ARG A 122 2.61 5.57 4.81
CA ARG A 122 2.04 5.10 3.53
C ARG A 122 1.15 6.16 2.82
N THR A 123 1.02 6.09 1.51
CA THR A 123 0.30 7.14 0.77
C THR A 123 -1.18 7.40 1.12
N ALA A 124 -2.04 6.42 0.90
CA ALA A 124 -3.47 6.60 1.14
C ALA A 124 -3.79 6.52 2.61
N GLY A 125 -3.02 5.72 3.33
CA GLY A 125 -3.32 5.49 4.73
C GLY A 125 -2.76 6.53 5.67
N TRP A 126 -1.74 7.26 5.23
CA TRP A 126 -1.09 8.20 6.12
C TRP A 126 -0.71 9.57 5.55
N ASN A 127 0.21 9.57 4.60
CA ASN A 127 0.75 10.83 4.02
C ASN A 127 -0.30 11.80 3.50
N ILE A 128 -1.26 11.33 2.70
CA ILE A 128 -2.30 12.18 2.19
C ILE A 128 -3.28 12.68 3.27
N PRO A 129 -3.93 11.80 4.02
CA PRO A 129 -4.97 12.27 4.97
C PRO A 129 -4.37 13.10 6.09
N MET A 130 -3.22 12.71 6.62
CA MET A 130 -2.57 13.48 7.69
C MET A 130 -1.96 14.78 7.15
N GLY A 131 -1.49 14.75 5.91
CA GLY A 131 -0.97 15.93 5.28
C GLY A 131 -2.10 16.94 5.22
N LEU A 132 -3.26 16.50 4.72
CA LEU A 132 -4.42 17.38 4.67
C LEU A 132 -4.81 17.89 6.04
N ILE A 133 -4.81 16.99 7.03
CA ILE A 133 -5.27 17.34 8.37
C ILE A 133 -4.34 18.31 9.08
N VAL A 134 -3.02 18.14 8.91
CA VAL A 134 -2.05 19.07 9.48
C VAL A 134 -2.21 20.43 8.76
N ASN A 135 -2.36 20.39 7.46
CA ASN A 135 -2.53 21.57 6.63
C ASN A 135 -3.67 22.43 7.18
N GLN A 136 -4.83 21.78 7.30
CA GLN A 136 -6.08 22.40 7.77
C GLN A 136 -6.11 22.90 9.20
N THR A 137 -5.47 22.18 10.12
CA THR A 137 -5.47 22.66 11.51
C THR A 137 -4.31 23.60 11.83
N GLY A 138 -3.38 23.78 10.89
CA GLY A 138 -2.19 24.55 11.13
C GLY A 138 -1.46 24.10 12.39
N SER A 139 -1.42 22.78 12.61
CA SER A 139 -0.78 22.22 13.80
C SER A 139 -0.11 20.89 13.43
N CYS A 140 0.96 20.55 14.15
CA CYS A 140 1.69 19.30 13.93
C CYS A 140 1.26 18.21 14.92
N ALA A 141 0.31 18.54 15.77
CA ALA A 141 -0.17 17.58 16.76
C ALA A 141 -1.18 16.60 16.13
N PHE A 142 -0.73 15.86 15.13
CA PHE A 142 -1.62 14.93 14.42
C PHE A 142 -1.86 13.66 15.23
N ASP A 143 -1.11 13.51 16.31
CA ASP A 143 -1.29 12.40 17.21
C ASP A 143 -2.44 12.65 18.16
N GLU A 144 -3.02 13.85 18.12
CA GLU A 144 -4.11 14.20 19.05
C GLU A 144 -5.41 14.55 18.31
N PHE A 145 -5.41 14.41 16.98
CA PHE A 145 -6.59 14.71 16.18
C PHE A 145 -7.72 13.70 16.41
N PHE A 146 -7.40 12.43 16.16
CA PHE A 146 -8.33 11.35 16.37
C PHE A 146 -8.22 10.95 17.82
N SER A 147 -9.31 10.43 18.39
CA SER A 147 -9.28 10.03 19.78
C SER A 147 -8.51 8.72 19.92
N GLN A 148 -8.75 7.79 19.00
CA GLN A 148 -8.06 6.50 18.97
C GLN A 148 -7.87 6.06 17.51
N SER A 149 -6.81 5.33 17.22
CA SER A 149 -6.53 4.86 15.87
C SER A 149 -5.90 3.48 15.90
N CYS A 150 -5.88 2.85 14.73
CA CYS A 150 -4.94 1.80 14.50
C CYS A 150 -4.07 2.35 13.34
N ALA A 151 -2.87 2.80 13.67
CA ALA A 151 -1.92 3.27 12.64
C ALA A 151 -0.61 2.45 12.78
N PRO A 152 -0.56 1.30 12.14
CA PRO A 152 0.61 0.41 12.24
C PRO A 152 1.93 1.12 12.08
N GLY A 153 2.85 0.87 13.01
CA GLY A 153 4.15 1.50 12.95
C GLY A 153 4.29 2.69 13.88
N ALA A 154 3.24 3.09 14.57
CA ALA A 154 3.36 4.13 15.58
C ALA A 154 3.72 3.45 16.92
N ASP A 155 3.91 4.24 17.95
CA ASP A 155 4.29 3.76 19.27
C ASP A 155 3.19 2.86 19.84
N PRO A 156 3.48 1.61 20.12
CA PRO A 156 2.42 0.68 20.59
C PRO A 156 1.66 1.19 21.83
N LYS A 157 2.23 2.10 22.58
CA LYS A 157 1.51 2.59 23.74
C LYS A 157 0.90 3.99 23.52
N SER A 158 0.89 4.46 22.27
CA SER A 158 0.19 5.70 21.94
C SER A 158 -1.26 5.41 21.57
N ARG A 159 -2.08 6.46 21.55
CA ARG A 159 -3.47 6.32 21.11
C ARG A 159 -3.59 5.99 19.60
N LEU A 160 -2.51 6.22 18.86
CA LEU A 160 -2.40 5.84 17.46
C LEU A 160 -2.32 4.31 17.25
N CYS A 161 -2.09 3.56 18.32
CA CYS A 161 -2.06 2.09 18.24
C CYS A 161 -3.18 1.44 19.08
N ALA A 162 -4.04 2.26 19.67
CA ALA A 162 -5.08 1.75 20.57
C ALA A 162 -6.06 0.76 19.93
N LEU A 163 -6.38 0.99 18.68
CA LEU A 163 -7.34 0.13 18.00
C LEU A 163 -6.72 -1.09 17.33
N CYS A 164 -5.38 -1.14 17.25
CA CYS A 164 -4.72 -2.28 16.60
C CYS A 164 -4.89 -3.51 17.46
N ALA A 165 -4.90 -4.69 16.86
CA ALA A 165 -5.20 -5.89 17.63
C ALA A 165 -4.08 -6.90 17.69
N GLY A 166 -2.99 -6.72 16.94
CA GLY A 166 -1.97 -7.73 16.96
C GLY A 166 -2.44 -8.99 16.22
N ASP A 167 -1.78 -10.10 16.51
CA ASP A 167 -2.06 -11.33 15.83
C ASP A 167 -3.06 -12.21 16.59
N ASP A 168 -3.12 -13.47 16.17
CA ASP A 168 -4.08 -14.46 16.69
C ASP A 168 -4.01 -14.58 18.18
N GLN A 169 -2.88 -14.23 18.77
CA GLN A 169 -2.79 -14.26 20.22
C GLN A 169 -2.51 -12.93 20.87
N GLY A 170 -2.69 -11.85 20.12
CA GLY A 170 -2.49 -10.52 20.65
C GLY A 170 -1.04 -10.08 20.72
N LEU A 171 -0.14 -10.78 20.01
CA LEU A 171 1.24 -10.33 20.00
C LEU A 171 1.40 -9.41 18.80
N ASP A 172 2.50 -8.67 18.77
CA ASP A 172 2.85 -7.83 17.64
C ASP A 172 1.84 -6.72 17.38
N LYS A 173 1.26 -6.20 18.45
CA LYS A 173 0.27 -5.17 18.31
C LYS A 173 0.88 -3.98 17.59
N CYS A 174 0.26 -3.61 16.46
CA CYS A 174 0.64 -2.39 15.76
C CYS A 174 1.92 -2.49 14.92
N VAL A 175 2.42 -3.70 14.70
CA VAL A 175 3.55 -3.84 13.79
C VAL A 175 3.06 -3.57 12.43
N PRO A 176 3.88 -2.87 11.66
CA PRO A 176 3.58 -2.57 10.25
C PRO A 176 3.92 -3.74 9.34
N ASN A 177 3.26 -4.85 9.60
CA ASN A 177 3.37 -6.04 8.76
C ASN A 177 2.09 -6.83 8.89
N SER A 178 1.86 -7.79 8.01
CA SER A 178 0.56 -8.45 7.96
C SER A 178 0.22 -9.31 9.17
N LYS A 179 1.11 -9.44 10.13
CA LYS A 179 0.72 -10.11 11.35
C LYS A 179 -0.29 -9.28 12.11
N GLU A 180 -0.19 -7.94 12.03
CA GLU A 180 -1.20 -7.04 12.57
C GLU A 180 -2.52 -7.23 11.79
N LYS A 181 -3.55 -7.58 12.52
CA LYS A 181 -4.87 -7.80 11.97
C LYS A 181 -5.34 -6.64 11.09
N TYR A 182 -5.19 -5.40 11.57
CA TYR A 182 -5.66 -4.26 10.82
C TYR A 182 -4.60 -3.51 10.00
N TYR A 183 -3.57 -4.22 9.54
CA TYR A 183 -2.52 -3.66 8.68
C TYR A 183 -2.90 -3.63 7.20
N GLY A 184 -2.36 -2.64 6.47
CA GLY A 184 -2.54 -2.54 5.04
C GLY A 184 -3.94 -2.13 4.58
N TYR A 185 -4.15 -2.24 3.27
CA TYR A 185 -5.43 -1.82 2.74
C TYR A 185 -6.59 -2.63 3.30
N THR A 186 -6.46 -3.95 3.31
CA THR A 186 -7.58 -4.75 3.74
C THR A 186 -7.73 -4.75 5.26
N GLY A 187 -6.61 -4.66 5.99
CA GLY A 187 -6.62 -4.52 7.45
C GLY A 187 -7.35 -3.25 7.91
N ALA A 188 -7.04 -2.12 7.27
CA ALA A 188 -7.70 -0.85 7.60
C ALA A 188 -9.18 -0.90 7.21
N PHE A 189 -9.52 -1.49 6.07
CA PHE A 189 -10.93 -1.57 5.73
C PHE A 189 -11.67 -2.52 6.70
N ARG A 190 -11.04 -3.62 7.11
CA ARG A 190 -11.63 -4.51 8.12
C ARG A 190 -11.87 -3.80 9.46
N CYS A 191 -10.97 -2.90 9.84
CA CYS A 191 -11.08 -2.08 11.06
C CYS A 191 -12.36 -1.19 11.03
N LEU A 192 -12.68 -0.67 9.86
CA LEU A 192 -13.90 0.10 9.70
C LEU A 192 -15.09 -0.86 9.64
N ALA A 193 -15.00 -1.90 8.84
CA ALA A 193 -16.11 -2.81 8.69
C ALA A 193 -16.56 -3.46 10.00
N GLU A 194 -15.61 -3.72 10.89
CA GLU A 194 -15.92 -4.36 12.16
C GLU A 194 -16.34 -3.32 13.16
N ASP A 195 -16.38 -2.06 12.73
CA ASP A 195 -16.80 -0.99 13.64
C ASP A 195 -15.85 -0.70 14.78
N VAL A 196 -14.58 -1.02 14.58
CA VAL A 196 -13.55 -0.63 15.54
C VAL A 196 -13.27 0.86 15.31
N GLY A 197 -13.13 1.28 14.05
CA GLY A 197 -12.95 2.69 13.79
C GLY A 197 -14.16 3.29 13.13
N ASP A 198 -14.18 4.63 13.02
CA ASP A 198 -15.23 5.37 12.38
C ASP A 198 -14.94 5.67 10.91
N VAL A 199 -13.65 5.79 10.59
CA VAL A 199 -13.22 6.06 9.25
C VAL A 199 -11.97 5.24 8.89
N ALA A 200 -11.89 4.79 7.64
CA ALA A 200 -10.71 4.12 7.12
C ALA A 200 -10.12 4.92 5.96
N PHE A 201 -8.79 5.04 5.94
CA PHE A 201 -8.06 5.72 4.87
C PHE A 201 -7.41 4.65 4.02
N VAL A 202 -8.02 4.38 2.88
CA VAL A 202 -7.61 3.34 1.97
C VAL A 202 -7.69 3.89 0.58
N LYS A 203 -7.68 3.01 -0.41
CA LYS A 203 -7.83 3.42 -1.79
C LYS A 203 -9.20 2.97 -2.28
N ASN A 204 -9.64 3.50 -3.43
CA ASN A 204 -10.93 3.12 -4.01
C ASN A 204 -11.09 1.62 -4.25
N ASP A 205 -10.06 0.97 -4.77
CA ASP A 205 -10.16 -0.44 -5.09
C ASP A 205 -10.49 -1.33 -3.88
N THR A 206 -9.96 -0.99 -2.73
CA THR A 206 -10.18 -1.77 -1.51
C THR A 206 -11.65 -1.98 -1.13
N VAL A 207 -12.48 -0.96 -1.33
CA VAL A 207 -13.91 -1.03 -1.03
C VAL A 207 -14.60 -2.03 -1.97
N TRP A 208 -14.26 -1.98 -3.26
CA TRP A 208 -14.85 -2.86 -4.26
C TRP A 208 -14.47 -4.32 -4.12
N GLU A 209 -13.24 -4.58 -3.70
CA GLU A 209 -12.71 -5.94 -3.68
C GLU A 209 -13.14 -6.69 -2.47
N ASN A 210 -13.67 -5.96 -1.50
CA ASN A 210 -14.07 -6.55 -0.25
C ASN A 210 -15.55 -6.41 0.09
N THR A 211 -16.39 -6.22 -0.93
CA THR A 211 -17.85 -6.12 -0.73
C THR A 211 -18.60 -6.88 -1.85
N ASN A 212 -19.89 -7.12 -1.64
CA ASN A 212 -20.77 -7.79 -2.61
C ASN A 212 -20.22 -9.14 -3.07
N GLY A 213 -19.77 -9.97 -2.14
CA GLY A 213 -19.24 -11.29 -2.48
C GLY A 213 -17.85 -11.37 -3.11
N GLU A 214 -17.25 -10.23 -3.43
CA GLU A 214 -15.92 -10.25 -4.06
C GLU A 214 -14.84 -10.87 -3.16
N SER A 215 -15.07 -10.92 -1.85
CA SER A 215 -14.03 -11.43 -0.96
C SER A 215 -14.19 -12.88 -0.41
N THR A 216 -15.34 -13.22 0.15
CA THR A 216 -15.51 -14.55 0.78
C THR A 216 -14.78 -14.77 2.12
N ALA A 217 -13.91 -13.84 2.52
CA ALA A 217 -13.32 -13.90 3.84
C ALA A 217 -14.49 -13.68 4.77
N ASP A 218 -14.35 -14.29 5.92
CA ASP A 218 -15.42 -14.33 6.92
C ASP A 218 -15.93 -12.96 7.39
N TRP A 219 -15.04 -12.00 7.55
CA TRP A 219 -15.45 -10.68 7.98
C TRP A 219 -16.08 -9.89 6.84
N ALA A 220 -15.81 -10.31 5.60
CA ALA A 220 -16.26 -9.58 4.41
C ALA A 220 -17.43 -10.16 3.57
N LYS A 221 -17.77 -11.44 3.81
CA LYS A 221 -18.87 -12.12 3.10
C LYS A 221 -20.15 -11.30 2.97
N ASN A 222 -20.56 -10.69 4.08
CA ASN A 222 -21.82 -9.96 4.11
C ASN A 222 -21.72 -8.46 3.92
N LEU A 223 -20.55 -7.96 3.54
CA LEU A 223 -20.43 -6.52 3.35
C LEU A 223 -21.05 -6.10 2.00
N LYS A 224 -21.71 -4.97 2.02
CA LYS A 224 -22.43 -4.44 0.90
C LYS A 224 -21.92 -3.03 0.58
N ARG A 225 -21.66 -2.73 -0.69
CA ARG A 225 -21.18 -1.39 -1.05
C ARG A 225 -22.11 -0.27 -0.62
N GLU A 226 -23.42 -0.53 -0.66
CA GLU A 226 -24.38 0.50 -0.30
C GLU A 226 -24.27 0.91 1.15
N ASP A 227 -23.69 0.04 1.96
CA ASP A 227 -23.52 0.33 3.37
C ASP A 227 -22.31 1.21 3.66
N PHE A 228 -21.63 1.70 2.63
CA PHE A 228 -20.48 2.58 2.86
C PHE A 228 -20.64 3.91 2.13
N ARG A 229 -20.00 4.94 2.67
CA ARG A 229 -19.95 6.24 1.99
C ARG A 229 -18.52 6.79 1.91
N LEU A 230 -18.22 7.50 0.83
CA LEU A 230 -16.95 8.22 0.72
C LEU A 230 -17.09 9.63 1.30
N LEU A 231 -16.05 10.10 2.00
CA LEU A 231 -16.05 11.47 2.51
C LEU A 231 -15.30 12.37 1.50
N CYS A 232 -15.97 13.36 0.94
CA CYS A 232 -15.31 14.29 0.03
C CYS A 232 -14.78 15.48 0.80
N LEU A 233 -13.85 16.19 0.18
CA LEU A 233 -13.27 17.35 0.82
C LEU A 233 -14.24 18.53 0.91
N ASP A 234 -15.32 18.53 0.12
CA ASP A 234 -16.29 19.63 0.18
C ASP A 234 -17.32 19.47 1.29
N GLY A 235 -17.11 18.49 2.18
CA GLY A 235 -18.00 18.28 3.29
C GLY A 235 -19.19 17.40 2.98
N THR A 236 -19.24 16.81 1.80
CA THR A 236 -20.36 15.94 1.45
C THR A 236 -20.00 14.47 1.57
N ARG A 237 -20.98 13.61 1.34
CA ARG A 237 -20.82 12.18 1.36
C ARG A 237 -21.38 11.64 0.07
N LYS A 238 -20.66 10.73 -0.55
CA LYS A 238 -21.13 10.14 -1.79
C LYS A 238 -21.04 8.62 -1.73
N PRO A 239 -21.83 7.95 -2.58
CA PRO A 239 -21.71 6.51 -2.76
C PRO A 239 -20.34 6.16 -3.31
N VAL A 240 -19.91 4.93 -3.08
CA VAL A 240 -18.57 4.52 -3.41
C VAL A 240 -18.35 4.49 -4.91
N THR A 241 -19.44 4.66 -5.67
CA THR A 241 -19.35 4.72 -7.13
C THR A 241 -18.85 6.10 -7.56
N GLU A 242 -18.88 7.08 -6.68
CA GLU A 242 -18.46 8.43 -7.08
C GLU A 242 -17.02 8.76 -6.76
N ALA A 243 -16.14 7.77 -6.74
CA ALA A 243 -14.74 8.03 -6.38
C ALA A 243 -14.00 9.04 -7.25
N GLN A 244 -14.39 9.12 -8.52
CA GLN A 244 -13.73 10.04 -9.46
C GLN A 244 -13.98 11.49 -9.04
N SER A 245 -15.06 11.74 -8.29
CA SER A 245 -15.40 13.10 -7.85
C SER A 245 -15.31 13.28 -6.34
N CYS A 246 -14.99 12.19 -5.65
CA CYS A 246 -14.91 12.22 -4.20
C CYS A 246 -13.66 11.46 -3.66
N HIS A 247 -12.48 12.01 -3.90
CA HIS A 247 -11.24 11.43 -3.41
C HIS A 247 -10.39 12.51 -2.77
N LEU A 248 -9.41 12.10 -1.96
CA LEU A 248 -8.48 13.00 -1.32
C LEU A 248 -7.27 13.28 -2.24
N ALA A 249 -6.95 12.33 -3.11
CA ALA A 249 -5.83 12.51 -4.02
C ALA A 249 -5.68 11.31 -4.93
N VAL A 250 -4.89 11.50 -5.97
CA VAL A 250 -4.50 10.42 -6.86
C VAL A 250 -3.08 10.04 -6.40
N ALA A 251 -2.86 8.76 -6.14
CA ALA A 251 -1.58 8.27 -5.65
C ALA A 251 -0.78 7.53 -6.73
N PRO A 252 0.54 7.72 -6.77
CA PRO A 252 1.38 6.95 -7.69
C PRO A 252 1.37 5.47 -7.31
N ASN A 253 1.38 4.62 -8.33
CA ASN A 253 1.34 3.18 -8.12
C ASN A 253 2.53 2.63 -7.31
N HIS A 254 2.30 1.51 -6.64
CA HIS A 254 3.36 0.83 -5.93
C HIS A 254 4.33 0.40 -7.02
N ALA A 255 5.64 0.50 -6.73
CA ALA A 255 6.70 0.15 -7.65
C ALA A 255 7.80 -0.72 -6.99
N VAL A 256 8.48 -1.51 -7.80
CA VAL A 256 9.60 -2.30 -7.37
C VAL A 256 10.79 -1.34 -7.34
N VAL A 257 11.58 -1.40 -6.26
CA VAL A 257 12.76 -0.58 -6.13
C VAL A 257 13.96 -1.48 -5.87
N SER A 258 15.11 -0.98 -6.30
CA SER A 258 16.37 -1.69 -6.14
C SER A 258 17.46 -0.63 -6.06
N ARG A 259 18.64 -1.02 -5.59
CA ARG A 259 19.80 -0.17 -5.67
C ARG A 259 20.07 0.09 -7.13
N SER A 260 20.39 1.34 -7.42
CA SER A 260 20.67 1.77 -8.78
C SER A 260 21.55 0.81 -9.58
N ASP A 261 22.64 0.38 -8.97
CA ASP A 261 23.61 -0.50 -9.64
C ASP A 261 23.08 -1.93 -9.89
N ARG A 262 21.88 -2.23 -9.40
CA ARG A 262 21.27 -3.54 -9.55
C ARG A 262 20.00 -3.51 -10.40
N ALA A 263 19.56 -2.30 -10.73
CA ALA A 263 18.31 -2.03 -11.43
C ALA A 263 18.14 -2.81 -12.72
N ALA A 264 19.16 -2.79 -13.56
CA ALA A 264 19.07 -3.44 -14.87
C ALA A 264 18.83 -4.92 -14.76
N HIS A 265 19.53 -5.55 -13.82
CA HIS A 265 19.43 -6.99 -13.69
C HIS A 265 18.14 -7.43 -13.00
N VAL A 266 17.69 -6.65 -12.04
CA VAL A 266 16.44 -6.92 -11.34
C VAL A 266 15.29 -6.81 -12.36
N GLU A 267 15.36 -5.80 -13.21
CA GLU A 267 14.40 -5.62 -14.28
C GLU A 267 14.27 -6.83 -15.23
N GLN A 268 15.39 -7.34 -15.74
CA GLN A 268 15.36 -8.50 -16.66
C GLN A 268 14.80 -9.78 -16.02
N VAL A 269 15.25 -10.10 -14.81
CA VAL A 269 14.71 -11.27 -14.12
C VAL A 269 13.19 -11.19 -13.90
N LEU A 270 12.72 -10.02 -13.51
CA LEU A 270 11.34 -9.84 -13.10
C LEU A 270 10.38 -9.87 -14.27
N LEU A 271 10.75 -9.20 -15.38
CA LEU A 271 10.05 -9.32 -16.65
C LEU A 271 9.95 -10.77 -17.08
N HIS A 272 11.03 -11.54 -16.88
CA HIS A 272 10.96 -13.00 -17.13
C HIS A 272 10.13 -13.75 -16.10
N GLN A 273 10.22 -13.35 -14.84
CA GLN A 273 9.35 -13.96 -13.82
C GLN A 273 7.83 -13.76 -14.09
N GLN A 274 7.41 -12.57 -14.53
CA GLN A 274 5.99 -12.36 -14.80
C GLN A 274 5.49 -13.11 -16.05
N ALA A 275 6.36 -13.28 -17.03
CA ALA A 275 6.01 -14.12 -18.17
C ALA A 275 5.58 -15.55 -17.72
N LEU A 276 6.20 -16.07 -16.66
CA LEU A 276 5.90 -17.40 -16.12
C LEU A 276 4.75 -17.42 -15.11
N PHE A 277 4.71 -16.44 -14.22
CA PHE A 277 3.72 -16.47 -13.13
C PHE A 277 2.75 -15.31 -13.04
N GLY A 278 2.86 -14.36 -13.98
CA GLY A 278 1.90 -13.27 -14.10
C GLY A 278 0.49 -13.68 -14.54
N LYS A 279 -0.31 -12.70 -14.94
CA LYS A 279 -1.74 -12.95 -15.21
C LYS A 279 -2.03 -14.06 -16.21
N ASN A 280 -1.46 -13.96 -17.40
CA ASN A 280 -1.68 -15.00 -18.41
C ASN A 280 -0.47 -15.91 -18.56
N GLY A 281 0.32 -16.00 -17.50
CA GLY A 281 1.57 -16.73 -17.54
C GLY A 281 1.51 -18.23 -17.72
N LYS A 282 2.59 -18.76 -18.27
CA LYS A 282 2.76 -20.17 -18.53
C LYS A 282 2.32 -21.02 -17.36
N ASN A 283 2.68 -20.61 -16.15
CA ASN A 283 2.46 -21.46 -14.99
C ASN A 283 1.40 -21.00 -14.01
N CYS A 284 0.68 -19.95 -14.39
CA CYS A 284 -0.45 -19.44 -13.61
C CYS A 284 -1.70 -19.61 -14.48
N PRO A 285 -2.78 -20.17 -13.96
CA PRO A 285 -2.97 -20.53 -12.56
C PRO A 285 -2.64 -21.96 -12.24
N ASP A 286 -1.72 -22.55 -13.01
CA ASP A 286 -1.44 -23.97 -12.95
C ASP A 286 -0.57 -24.39 -11.80
N LYS A 287 0.58 -23.75 -11.65
CA LYS A 287 1.47 -24.08 -10.57
C LYS A 287 1.55 -22.95 -9.56
N PHE A 288 1.75 -21.71 -10.05
CA PHE A 288 1.94 -20.55 -9.15
C PHE A 288 1.57 -19.19 -9.76
N CYS A 289 0.91 -18.37 -8.96
CA CYS A 289 0.53 -17.04 -9.42
C CYS A 289 1.16 -16.03 -8.49
N LEU A 290 2.01 -15.17 -9.06
CA LEU A 290 2.65 -14.07 -8.37
C LEU A 290 1.69 -13.06 -7.77
N PHE A 291 0.63 -12.73 -8.49
CA PHE A 291 -0.26 -11.67 -8.07
C PHE A 291 -1.52 -12.17 -7.38
N LYS A 292 -1.47 -13.36 -6.78
CA LYS A 292 -2.61 -13.84 -6.00
C LYS A 292 -2.21 -14.22 -4.58
N SER A 293 -3.09 -13.90 -3.63
CA SER A 293 -2.87 -14.25 -2.23
C SER A 293 -4.16 -14.05 -1.41
N GLU A 294 -5.30 -14.33 -2.03
CA GLU A 294 -6.60 -14.21 -1.36
C GLU A 294 -6.80 -12.89 -0.56
N THR A 295 -6.87 -11.76 -1.27
CA THR A 295 -7.04 -10.40 -0.68
C THR A 295 -6.09 -10.03 0.44
N LYS A 296 -4.91 -10.63 0.47
CA LYS A 296 -3.94 -10.30 1.47
C LYS A 296 -2.88 -9.34 0.93
N ASN A 297 -2.82 -9.18 -0.39
CA ASN A 297 -1.88 -8.30 -1.04
C ASN A 297 -0.43 -8.56 -0.60
N LEU A 298 -0.01 -9.83 -0.73
CA LEU A 298 1.31 -10.26 -0.26
C LEU A 298 2.30 -10.06 -1.38
N LEU A 299 3.41 -9.36 -1.10
CA LEU A 299 4.45 -8.96 -2.08
C LEU A 299 3.97 -7.97 -3.12
N PHE A 300 2.81 -8.24 -3.73
CA PHE A 300 2.21 -7.37 -4.76
C PHE A 300 0.75 -7.23 -4.40
N ASN A 301 0.09 -6.20 -4.87
CA ASN A 301 -1.37 -6.09 -4.76
C ASN A 301 -2.03 -7.17 -5.59
N ASP A 302 -3.09 -7.78 -5.06
CA ASP A 302 -3.86 -8.81 -5.78
C ASP A 302 -4.46 -8.33 -7.09
N ASN A 303 -4.69 -7.03 -7.25
CA ASN A 303 -5.29 -6.58 -8.51
C ASN A 303 -4.31 -6.27 -9.66
N THR A 304 -3.02 -6.51 -9.43
CA THR A 304 -2.01 -6.25 -10.45
C THR A 304 -2.21 -7.10 -11.70
N GLU A 305 -2.32 -6.45 -12.82
CA GLU A 305 -2.38 -7.14 -14.09
C GLU A 305 -0.95 -7.52 -14.46
N CYS A 306 -0.03 -6.56 -14.34
CA CYS A 306 1.38 -6.82 -14.67
C CYS A 306 2.28 -5.77 -14.04
N LEU A 307 3.58 -5.99 -14.10
CA LEU A 307 4.56 -4.99 -13.77
C LEU A 307 4.96 -4.30 -15.09
N ALA A 308 4.84 -2.99 -15.14
CA ALA A 308 5.09 -2.22 -16.35
C ALA A 308 6.40 -1.43 -16.31
N LYS A 309 7.05 -1.36 -17.47
CA LYS A 309 8.26 -0.55 -17.61
C LYS A 309 7.84 0.96 -17.41
N LEU A 310 8.71 1.82 -16.78
CA LEU A 310 8.44 3.26 -16.48
C LEU A 310 8.96 4.23 -17.54
N GLY A 311 8.10 5.05 -18.13
CA GLY A 311 8.49 6.00 -19.14
C GLY A 311 9.31 7.18 -18.60
N GLY A 312 10.38 7.45 -19.33
CA GLY A 312 11.31 8.53 -19.01
C GLY A 312 12.33 8.10 -17.97
N ARG A 313 12.78 6.85 -17.96
CA ARG A 313 13.74 6.40 -16.95
C ARG A 313 13.73 7.42 -15.82
N PRO A 314 12.62 7.46 -15.04
CA PRO A 314 12.46 8.52 -14.05
C PRO A 314 13.23 8.31 -12.76
N THR A 315 13.62 9.42 -12.14
CA THR A 315 14.13 9.34 -10.80
C THR A 315 12.93 9.07 -9.85
N TYR A 316 13.21 8.96 -8.57
CA TYR A 316 12.16 8.73 -7.61
C TYR A 316 11.29 9.99 -7.44
N GLU A 317 11.87 11.16 -7.67
CA GLU A 317 11.09 12.39 -7.54
C GLU A 317 10.18 12.56 -8.72
N GLU A 318 10.66 12.14 -9.88
CA GLU A 318 9.84 12.20 -11.09
C GLU A 318 8.76 11.14 -11.09
N TYR A 319 9.07 9.97 -10.54
CA TYR A 319 8.10 8.92 -10.45
C TYR A 319 6.96 9.33 -9.47
N LEU A 320 7.31 9.88 -8.32
CA LEU A 320 6.30 10.27 -7.33
C LEU A 320 5.53 11.55 -7.74
N GLY A 321 6.22 12.45 -8.45
CA GLY A 321 5.63 13.71 -8.86
C GLY A 321 5.86 14.81 -7.86
N THR A 322 6.08 16.03 -8.36
CA THR A 322 6.31 17.23 -7.53
C THR A 322 5.17 17.51 -6.57
N GLU A 323 3.96 17.26 -7.02
CA GLU A 323 2.80 17.45 -6.15
C GLU A 323 2.99 16.60 -4.87
N TYR A 324 3.10 15.30 -5.05
CA TYR A 324 3.22 14.38 -3.92
C TYR A 324 4.50 14.57 -3.12
N VAL A 325 5.62 14.84 -3.79
CA VAL A 325 6.90 14.96 -3.10
C VAL A 325 6.88 16.15 -2.17
N THR A 326 6.26 17.23 -2.59
CA THR A 326 6.19 18.40 -1.70
C THR A 326 5.20 18.17 -0.57
N ALA A 327 4.15 17.40 -0.84
CA ALA A 327 3.23 17.06 0.24
C ALA A 327 3.95 16.30 1.36
N ILE A 328 4.84 15.38 1.01
CA ILE A 328 5.56 14.60 2.03
C ILE A 328 6.57 15.40 2.82
N ALA A 329 7.34 16.24 2.13
CA ALA A 329 8.36 17.06 2.77
C ALA A 329 7.76 17.97 3.83
N ASN A 330 6.65 18.61 3.47
CA ASN A 330 5.91 19.48 4.38
C ASN A 330 5.38 18.75 5.62
N LEU A 331 4.82 17.56 5.44
CA LEU A 331 4.33 16.75 6.56
C LEU A 331 5.48 16.28 7.48
N LYS A 332 6.63 16.00 6.90
CA LYS A 332 7.77 15.46 7.65
C LYS A 332 8.50 16.51 8.49
N LYS A 333 8.13 17.76 8.31
CA LYS A 333 8.62 18.84 9.16
C LYS A 333 8.06 18.73 10.57
N CYS A 334 7.01 17.94 10.72
CA CYS A 334 6.36 17.80 12.01
C CYS A 334 7.00 16.77 12.96
N SER A 335 7.90 15.95 12.42
CA SER A 335 8.50 14.90 13.26
C SER A 335 9.97 15.12 13.57
N LEU A 340 15.82 19.87 3.11
CA LEU A 340 17.03 19.19 3.57
C LEU A 340 17.30 17.85 2.86
N GLU A 341 18.56 17.63 2.47
CA GLU A 341 18.99 16.37 1.89
C GLU A 341 19.20 15.37 3.03
N ALA A 342 18.68 14.15 2.88
CA ALA A 342 18.79 13.12 3.93
C ALA A 342 18.70 11.65 3.48
N CYS A 343 18.90 10.77 4.46
CA CYS A 343 18.60 9.34 4.37
C CYS A 343 18.54 8.88 5.83
N ALA A 344 17.38 8.36 6.23
CA ALA A 344 17.09 8.00 7.62
C ALA A 344 18.02 6.96 8.25
N PHE A 345 18.64 6.14 7.41
CA PHE A 345 19.45 5.04 7.92
C PHE A 345 20.94 5.21 7.67
#